data_4FH0
#
_entry.id   4FH0
#
_cell.length_a   32.196
_cell.length_b   36.669
_cell.length_c   43.276
_cell.angle_alpha   108.54
_cell.angle_beta   90.30
_cell.angle_gamma   111.01
#
_symmetry.space_group_name_H-M   'P 1'
#
loop_
_entity.id
_entity.type
_entity.pdbx_description
1 polymer 'Bcl10-interacting CARD protein'
2 non-polymer 'SULFATE ION'
3 water water
#
_entity_poly.entity_id   1
_entity_poly.type   'polypeptide(L)'
_entity_poly.pdbx_seq_one_letter_code
;SNADQTYCDRLVQDTP(MSE)LTGHGRLSEQQVDRIILQLNRYYPQILTNKEAEKFRNPKASLRVRLCDL(MSE)SHLQR
SGERDCQEFYRALYIHAQPLHSRLPSRHAL
;
_entity_poly.pdbx_strand_id   A,B
#
# COMPACT_ATOMS: atom_id res chain seq x y z
N GLN A 5 8.97 9.25 -8.15
CA GLN A 5 7.95 8.69 -7.28
C GLN A 5 7.43 9.74 -6.29
N THR A 6 6.14 9.72 -5.96
CA THR A 6 5.67 10.57 -4.88
C THR A 6 6.14 9.95 -3.56
N TYR A 7 6.16 10.71 -2.47
CA TYR A 7 6.51 10.11 -1.20
C TYR A 7 5.57 9.00 -0.80
N CYS A 8 4.28 9.10 -1.12
CA CYS A 8 3.29 8.02 -0.88
CA CYS A 8 3.44 8.00 -0.73
C CYS A 8 3.68 6.78 -1.63
N ASP A 9 4.04 6.94 -2.90
CA ASP A 9 4.49 5.77 -3.67
C ASP A 9 5.75 5.16 -3.08
N ARG A 10 6.68 6.01 -2.63
CA ARG A 10 7.89 5.49 -2.02
C ARG A 10 7.56 4.68 -0.78
N LEU A 11 6.67 5.21 0.05
CA LEU A 11 6.34 4.53 1.31
C LEU A 11 5.69 3.18 1.05
N VAL A 12 4.79 3.12 0.07
CA VAL A 12 4.19 1.85 -0.30
C VAL A 12 5.27 0.88 -0.72
N GLN A 13 6.20 1.35 -1.55
CA GLN A 13 7.30 0.49 -2.02
C GLN A 13 8.15 -0.01 -0.86
N ASP A 14 8.47 0.87 0.08
CA ASP A 14 9.38 0.57 1.17
C ASP A 14 8.78 -0.16 2.35
N THR A 15 7.46 -0.26 2.40
CA THR A 15 6.80 -0.79 3.60
C THR A 15 7.23 -2.21 4.01
N PRO A 16 7.27 -3.16 3.07
CA PRO A 16 7.71 -4.49 3.48
C PRO A 16 9.13 -4.52 4.08
N LEU A 18 10.73 -1.84 5.56
CA LEU A 18 10.66 -1.07 6.81
C LEU A 18 10.10 -1.85 7.97
N THR A 19 9.14 -2.72 7.67
CA THR A 19 8.42 -3.47 8.72
C THR A 19 9.03 -4.84 8.98
N GLY A 20 10.08 -5.19 8.25
CA GLY A 20 10.75 -6.46 8.51
C GLY A 20 11.37 -6.49 9.88
N HIS A 21 11.30 -7.65 10.55
CA HIS A 21 11.84 -7.73 11.89
C HIS A 21 13.30 -7.38 11.90
N GLY A 22 13.70 -6.55 12.89
CA GLY A 22 15.08 -6.13 13.04
C GLY A 22 15.41 -4.81 12.35
N ARG A 23 14.56 -4.34 11.47
CA ARG A 23 14.92 -3.14 10.71
C ARG A 23 14.85 -1.87 11.55
N LEU A 24 13.80 -1.74 12.36
CA LEU A 24 13.66 -0.63 13.26
C LEU A 24 13.51 -1.17 14.68
N SER A 25 14.21 -0.54 15.60
CA SER A 25 14.07 -0.87 17.01
C SER A 25 12.97 -0.05 17.67
N GLU A 26 12.56 -0.48 18.85
CA GLU A 26 11.57 0.26 19.61
C GLU A 26 12.04 1.69 19.84
N GLN A 27 13.30 1.86 20.24
CA GLN A 27 13.78 3.22 20.49
C GLN A 27 13.72 4.06 19.24
N GLN A 28 14.08 3.51 18.08
CA GLN A 28 14.02 4.31 16.85
C GLN A 28 12.58 4.69 16.53
N VAL A 29 11.67 3.72 16.63
CA VAL A 29 10.29 4.00 16.33
C VAL A 29 9.73 5.05 17.29
N ASP A 30 10.08 4.92 18.56
CA ASP A 30 9.57 5.87 19.54
C ASP A 30 10.01 7.28 19.20
N ARG A 31 11.27 7.44 18.78
CA ARG A 31 11.76 8.78 18.43
C ARG A 31 11.12 9.30 17.15
N ILE A 32 10.87 8.42 16.19
CA ILE A 32 10.18 8.80 14.97
C ILE A 32 8.78 9.31 15.31
N ILE A 33 8.07 8.60 16.18
CA ILE A 33 6.74 9.00 16.59
CA ILE A 33 6.73 8.99 16.58
C ILE A 33 6.78 10.38 17.23
N LEU A 34 7.76 10.60 18.10
CA LEU A 34 7.89 11.91 18.73
C LEU A 34 8.16 13.01 17.71
N GLN A 35 8.99 12.73 16.73
CA GLN A 35 9.26 13.67 15.66
C GLN A 35 7.98 14.05 14.90
N LEU A 36 7.11 13.07 14.71
CA LEU A 36 5.86 13.29 14.00
C LEU A 36 4.76 13.91 14.89
N ASN A 37 5.01 14.01 16.20
CA ASN A 37 4.01 14.52 17.13
C ASN A 37 4.31 15.91 17.68
N ARG A 38 5.59 16.21 17.89
CA ARG A 38 5.97 17.36 18.70
C ARG A 38 6.18 18.67 17.96
N TYR A 39 6.20 18.71 16.71
CA TYR A 39 6.58 19.82 15.88
C TYR A 39 5.47 20.24 14.87
N TYR A 40 5.92 20.90 13.77
CA TYR A 40 4.97 21.37 12.77
C TYR A 40 5.48 21.00 11.37
N PRO A 41 4.66 20.33 10.58
CA PRO A 41 3.29 19.95 10.87
C PRO A 41 3.26 18.84 11.90
N GLN A 42 2.15 18.78 12.61
CA GLN A 42 1.89 17.67 13.51
C GLN A 42 1.18 16.56 12.74
N ILE A 43 1.91 15.47 12.52
CA ILE A 43 1.38 14.35 11.76
C ILE A 43 0.57 13.41 12.64
N LEU A 44 1.00 13.27 13.90
CA LEU A 44 0.33 12.40 14.87
C LEU A 44 -0.13 13.17 16.07
N THR A 45 -1.40 13.03 16.42
CA THR A 45 -1.91 13.62 17.63
C THR A 45 -1.30 12.94 18.86
N ASN A 46 -1.47 13.51 20.04
CA ASN A 46 -0.98 12.86 21.24
C ASN A 46 -1.59 11.47 21.43
N LYS A 47 -2.90 11.33 21.18
CA LYS A 47 -3.52 10.01 21.34
C LYS A 47 -2.97 9.01 20.32
N GLU A 48 -2.75 9.45 19.09
CA GLU A 48 -2.18 8.56 18.08
C GLU A 48 -0.76 8.18 18.43
N ALA A 49 0.04 9.14 18.89
CA ALA A 49 1.38 8.83 19.31
C ALA A 49 1.39 7.77 20.42
N GLU A 50 0.48 7.89 21.38
CA GLU A 50 0.47 6.93 22.48
C GLU A 50 0.09 5.55 21.97
N LYS A 51 -0.86 5.48 21.04
CA LYS A 51 -1.23 4.22 20.42
C LYS A 51 -0.04 3.55 19.74
N PHE A 52 0.72 4.33 18.95
CA PHE A 52 1.84 3.74 18.23
C PHE A 52 3.07 3.44 19.11
N ARG A 53 3.09 3.96 20.33
CA ARG A 53 4.16 3.71 21.31
CA ARG A 53 4.17 3.67 21.28
C ARG A 53 3.74 2.68 22.35
N ASN A 54 2.51 2.15 22.23
CA ASN A 54 1.94 1.27 23.24
C ASN A 54 2.80 0.02 23.44
N PRO A 55 3.40 -0.13 24.63
CA PRO A 55 4.31 -1.26 24.80
C PRO A 55 3.59 -2.63 24.78
N LYS A 56 2.28 -2.65 24.93
CA LYS A 56 1.54 -3.92 24.99
C LYS A 56 1.34 -4.57 23.61
N ALA A 57 1.46 -3.79 22.53
CA ALA A 57 1.25 -4.31 21.17
C ALA A 57 2.60 -4.56 20.50
N SER A 58 2.70 -5.61 19.66
CA SER A 58 3.98 -5.89 19.01
C SER A 58 4.42 -4.73 18.13
N LEU A 59 5.72 -4.48 18.13
CA LEU A 59 6.28 -3.38 17.36
C LEU A 59 5.92 -3.49 15.88
N ARG A 60 5.99 -4.69 15.31
CA ARG A 60 5.72 -4.82 13.88
C ARG A 60 4.26 -4.45 13.56
N VAL A 61 3.33 -4.85 14.44
CA VAL A 61 1.93 -4.53 14.23
C VAL A 61 1.74 -3.01 14.28
N ARG A 62 2.32 -2.36 15.28
CA ARG A 62 2.24 -0.91 15.39
C ARG A 62 2.87 -0.24 14.17
N LEU A 63 3.99 -0.76 13.68
CA LEU A 63 4.63 -0.14 12.51
C LEU A 63 3.77 -0.29 11.27
N CYS A 64 3.22 -1.48 11.06
CA CYS A 64 2.37 -1.68 9.90
C CYS A 64 1.16 -0.74 9.98
N ASP A 65 0.61 -0.57 11.18
CA ASP A 65 -0.52 0.34 11.33
C ASP A 65 -0.10 1.79 11.09
N LEU A 66 1.11 2.15 11.51
CA LEU A 66 1.62 3.49 11.24
C LEU A 66 1.76 3.70 9.73
N SER A 68 0.09 2.26 7.35
CA SER A 68 -1.23 2.41 6.78
C SER A 68 -1.79 3.80 7.05
N HIS A 69 -1.59 4.28 8.26
CA HIS A 69 -2.04 5.61 8.64
C HIS A 69 -1.42 6.69 7.75
N LEU A 70 -0.10 6.62 7.54
CA LEU A 70 0.58 7.62 6.73
C LEU A 70 0.17 7.54 5.27
N GLN A 71 0.06 6.33 4.75
CA GLN A 71 -0.35 6.16 3.35
C GLN A 71 -1.73 6.74 3.10
N ARG A 72 -2.64 6.58 4.06
CA ARG A 72 -4.00 7.11 3.85
C ARG A 72 -4.07 8.63 4.03
N SER A 73 -3.15 9.19 4.79
CA SER A 73 -3.13 10.58 5.14
C SER A 73 -2.45 11.44 4.16
N GLY A 74 -1.72 10.90 3.22
CA GLY A 74 -1.24 11.65 2.08
C GLY A 74 0.23 12.04 2.03
N GLU A 75 0.55 12.81 0.99
CA GLU A 75 1.92 13.11 0.59
C GLU A 75 2.74 13.81 1.66
N ARG A 76 2.16 14.85 2.27
CA ARG A 76 2.89 15.62 3.26
C ARG A 76 3.30 14.73 4.44
N ASP A 77 2.40 13.85 4.83
CA ASP A 77 2.65 13.00 5.99
C ASP A 77 3.74 12.00 5.64
N CYS A 78 3.73 11.45 4.51
CA CYS A 78 4.73 10.51 4.08
C CYS A 78 6.11 11.21 3.98
N GLN A 79 6.12 12.41 3.45
CA GLN A 79 7.37 13.19 3.40
C GLN A 79 7.96 13.40 4.79
N GLU A 80 7.12 13.77 5.74
CA GLU A 80 7.59 14.00 7.10
C GLU A 80 8.12 12.70 7.71
N PHE A 81 7.47 11.58 7.41
CA PHE A 81 7.99 10.31 7.88
C PHE A 81 9.41 10.07 7.38
N TYR A 82 9.67 10.32 6.09
CA TYR A 82 11.01 10.10 5.57
C TYR A 82 12.02 11.00 6.25
N ARG A 83 11.65 12.23 6.55
CA ARG A 83 12.55 13.10 7.26
C ARG A 83 12.84 12.55 8.66
N ALA A 84 11.80 12.07 9.35
CA ALA A 84 11.96 11.52 10.69
C ALA A 84 12.85 10.28 10.67
N LEU A 85 12.69 9.47 9.63
CA LEU A 85 13.50 8.28 9.45
C LEU A 85 14.97 8.64 9.22
N TYR A 86 15.22 9.66 8.41
CA TYR A 86 16.58 10.17 8.25
C TYR A 86 17.17 10.58 9.60
N ILE A 87 16.41 11.32 10.38
CA ILE A 87 16.94 11.83 11.66
C ILE A 87 17.26 10.69 12.64
N HIS A 88 16.34 9.74 12.78
CA HIS A 88 16.45 8.73 13.84
C HIS A 88 16.88 7.32 13.42
N ALA A 89 16.96 7.05 12.14
CA ALA A 89 17.37 5.76 11.63
C ALA A 89 18.13 5.89 10.33
N GLN A 90 19.16 6.73 10.33
CA GLN A 90 19.84 7.04 9.09
C GLN A 90 20.34 5.84 8.29
N PRO A 91 20.96 4.85 8.96
CA PRO A 91 21.42 3.71 8.18
C PRO A 91 20.30 3.03 7.39
N LEU A 92 19.17 2.84 8.03
CA LEU A 92 18.02 2.23 7.34
C LEU A 92 17.52 3.14 6.21
N HIS A 93 17.40 4.42 6.53
CA HIS A 93 16.95 5.43 5.57
C HIS A 93 17.78 5.35 4.30
N SER A 94 19.09 5.22 4.44
CA SER A 94 19.96 5.21 3.29
C SER A 94 19.83 3.94 2.46
N ARG A 95 19.33 2.86 3.05
CA ARG A 95 19.28 1.56 2.38
C ARG A 95 17.93 1.26 1.72
N LEU A 96 16.93 2.11 1.91
CA LEU A 96 15.60 1.79 1.38
C LEU A 96 15.57 1.69 -0.13
N PRO A 97 14.75 0.77 -0.67
CA PRO A 97 14.82 0.52 -2.10
C PRO A 97 14.25 1.66 -2.96
N SER A 98 13.38 2.51 -2.40
CA SER A 98 12.76 3.57 -3.18
C SER A 98 13.77 4.69 -3.42
N ARG A 99 14.90 4.58 -2.73
CA ARG A 99 16.07 5.46 -2.87
C ARG A 99 16.68 5.24 -4.25
N THR B 6 -23.36 -3.41 -14.32
CA THR B 6 -22.57 -4.54 -14.80
C THR B 6 -21.27 -4.63 -14.00
N TYR B 7 -20.49 -5.67 -14.23
CA TYR B 7 -19.18 -5.75 -13.57
C TYR B 7 -18.26 -4.64 -14.01
N CYS B 8 -18.32 -4.21 -15.26
CA CYS B 8 -17.57 -3.04 -15.75
CA CYS B 8 -17.44 -3.11 -15.59
C CYS B 8 -17.95 -1.79 -14.99
N ASP B 9 -19.25 -1.59 -14.80
CA ASP B 9 -19.73 -0.43 -14.04
C ASP B 9 -19.23 -0.49 -12.60
N ARG B 10 -19.27 -1.67 -12.00
CA ARG B 10 -18.78 -1.81 -10.64
C ARG B 10 -17.30 -1.45 -10.55
N LEU B 11 -16.51 -1.95 -11.51
CA LEU B 11 -15.08 -1.67 -11.45
C LEU B 11 -14.80 -0.18 -11.61
N VAL B 12 -15.53 0.50 -12.49
CA VAL B 12 -15.37 1.95 -12.62
C VAL B 12 -15.69 2.62 -11.29
N GLN B 13 -16.78 2.20 -10.67
CA GLN B 13 -17.18 2.77 -9.38
C GLN B 13 -16.10 2.55 -8.30
N ASP B 14 -15.50 1.37 -8.29
CA ASP B 14 -14.55 0.99 -7.26
C ASP B 14 -13.12 1.43 -7.50
N THR B 15 -12.79 1.94 -8.69
CA THR B 15 -11.40 2.18 -9.05
C THR B 15 -10.70 3.20 -8.15
N PRO B 16 -11.30 4.37 -7.91
CA PRO B 16 -10.59 5.31 -7.02
C PRO B 16 -10.29 4.71 -5.63
N LEU B 18 -10.00 1.38 -4.80
CA LEU B 18 -9.02 0.29 -4.96
C LEU B 18 -7.61 0.78 -5.21
N THR B 19 -7.48 1.91 -5.87
CA THR B 19 -6.17 2.44 -6.24
C THR B 19 -5.60 3.39 -5.17
N GLY B 20 -6.37 3.65 -4.11
CA GLY B 20 -5.87 4.50 -3.03
C GLY B 20 -4.66 3.87 -2.37
N HIS B 21 -3.65 4.67 -2.05
CA HIS B 21 -2.48 4.13 -1.39
C HIS B 21 -2.88 3.36 -0.14
N GLY B 22 -2.34 2.16 0.02
CA GLY B 22 -2.59 1.35 1.20
C GLY B 22 -3.70 0.32 1.02
N ARG B 23 -4.58 0.50 0.04
CA ARG B 23 -5.70 -0.44 -0.10
C ARG B 23 -5.23 -1.82 -0.52
N LEU B 24 -4.37 -1.89 -1.53
CA LEU B 24 -3.82 -3.16 -2.00
C LEU B 24 -2.32 -3.11 -1.88
N SER B 25 -1.77 -4.16 -1.32
CA SER B 25 -0.32 -4.25 -1.19
C SER B 25 0.26 -4.90 -2.46
N GLU B 26 1.57 -4.82 -2.61
CA GLU B 26 2.22 -5.47 -3.72
C GLU B 26 1.91 -6.96 -3.71
N GLN B 27 1.94 -7.59 -2.53
CA GLN B 27 1.69 -9.02 -2.50
C GLN B 27 0.28 -9.37 -2.97
N GLN B 28 -0.71 -8.59 -2.55
CA GLN B 28 -2.08 -8.82 -3.01
C GLN B 28 -2.21 -8.65 -4.51
N VAL B 29 -1.63 -7.58 -5.03
CA VAL B 29 -1.70 -7.32 -6.46
C VAL B 29 -0.99 -8.43 -7.23
N ASP B 30 0.14 -8.89 -6.73
CA ASP B 30 0.87 -9.93 -7.44
C ASP B 30 0.04 -11.21 -7.51
N ARG B 31 -0.65 -11.54 -6.43
CA ARG B 31 -1.49 -12.73 -6.43
C ARG B 31 -2.71 -12.57 -7.30
N ILE B 32 -3.26 -11.37 -7.35
CA ILE B 32 -4.39 -11.12 -8.26
C ILE B 32 -3.93 -11.29 -9.71
N ILE B 33 -2.79 -10.72 -10.06
CA ILE B 33 -2.26 -10.86 -11.40
CA ILE B 33 -2.26 -10.86 -11.40
C ILE B 33 -2.03 -12.33 -11.74
N LEU B 34 -1.46 -13.08 -10.80
CA LEU B 34 -1.20 -14.52 -11.02
C LEU B 34 -2.51 -15.25 -11.32
N GLN B 35 -3.56 -14.93 -10.58
CA GLN B 35 -4.87 -15.54 -10.82
C GLN B 35 -5.36 -15.24 -12.23
N LEU B 36 -5.20 -13.99 -12.65
CA LEU B 36 -5.67 -13.57 -13.96
C LEU B 36 -4.82 -14.12 -15.11
N ASN B 37 -3.62 -14.60 -14.80
CA ASN B 37 -2.72 -15.08 -15.84
C ASN B 37 -2.72 -16.60 -15.98
N ARG B 38 -2.90 -17.28 -14.86
CA ARG B 38 -2.60 -18.72 -14.81
C ARG B 38 -3.79 -19.63 -15.04
N TYR B 39 -5.00 -19.09 -15.05
CA TYR B 39 -6.21 -19.91 -15.13
C TYR B 39 -7.16 -19.37 -16.17
N TYR B 40 -8.11 -20.22 -16.58
CA TYR B 40 -9.04 -19.93 -17.67
C TYR B 40 -10.31 -19.28 -17.10
N PRO B 41 -10.82 -18.22 -17.76
CA PRO B 41 -10.21 -17.59 -18.93
C PRO B 41 -8.94 -16.88 -18.49
N GLN B 42 -7.99 -16.85 -19.39
CA GLN B 42 -6.78 -16.09 -19.20
C GLN B 42 -7.03 -14.65 -19.57
N ILE B 43 -6.93 -13.78 -18.58
CA ILE B 43 -7.19 -12.38 -18.77
C ILE B 43 -5.93 -11.64 -19.16
N LEU B 44 -4.81 -12.04 -18.58
CA LEU B 44 -3.54 -11.41 -18.86
C LEU B 44 -2.58 -12.40 -19.47
N THR B 45 -1.94 -12.00 -20.56
CA THR B 45 -0.84 -12.77 -21.12
C THR B 45 0.37 -12.73 -20.17
N ASN B 46 1.34 -13.60 -20.40
CA ASN B 46 2.56 -13.54 -19.61
C ASN B 46 3.20 -12.16 -19.72
N LYS B 47 3.28 -11.58 -20.93
CA LYS B 47 3.89 -10.25 -21.10
C LYS B 47 3.13 -9.17 -20.32
N GLU B 48 1.81 -9.24 -20.35
CA GLU B 48 0.99 -8.28 -19.60
C GLU B 48 1.16 -8.46 -18.11
N ALA B 49 1.19 -9.71 -17.66
CA ALA B 49 1.40 -9.96 -16.24
C ALA B 49 2.74 -9.39 -15.79
N GLU B 50 3.77 -9.56 -16.62
CA GLU B 50 5.09 -9.02 -16.28
C GLU B 50 5.05 -7.48 -16.19
N LYS B 51 4.34 -6.85 -17.11
CA LYS B 51 4.24 -5.40 -17.12
C LYS B 51 3.56 -4.93 -15.82
N PHE B 52 2.48 -5.58 -15.42
CA PHE B 52 1.76 -5.12 -14.24
C PHE B 52 2.42 -5.50 -12.92
N ARG B 53 3.43 -6.38 -12.98
CA ARG B 53 4.24 -6.74 -11.80
C ARG B 53 5.61 -6.07 -11.79
N ASN B 54 5.91 -5.30 -12.84
CA ASN B 54 7.24 -4.72 -13.03
C ASN B 54 7.66 -3.86 -11.84
N PRO B 55 8.68 -4.30 -11.08
CA PRO B 55 9.10 -3.56 -9.88
C PRO B 55 9.65 -2.18 -10.19
N LYS B 56 9.92 -1.91 -11.47
CA LYS B 56 10.49 -0.63 -11.87
C LYS B 56 9.46 0.51 -11.96
N ALA B 57 8.16 0.18 -11.89
CA ALA B 57 7.11 1.20 -11.86
C ALA B 57 6.38 1.14 -10.52
N SER B 58 5.87 2.28 -10.05
CA SER B 58 5.14 2.31 -8.77
CA SER B 58 5.16 2.32 -8.78
C SER B 58 3.88 1.49 -8.84
N LEU B 59 3.56 0.87 -7.72
CA LEU B 59 2.37 0.03 -7.62
C LEU B 59 1.11 0.77 -8.05
N ARG B 60 0.94 2.01 -7.59
CA ARG B 60 -0.27 2.72 -7.92
C ARG B 60 -0.42 2.94 -9.42
N VAL B 61 0.68 3.27 -10.10
CA VAL B 61 0.65 3.46 -11.55
C VAL B 61 0.25 2.17 -12.22
N ARG B 62 0.86 1.07 -11.83
CA ARG B 62 0.56 -0.22 -12.42
C ARG B 62 -0.88 -0.62 -12.16
N LEU B 63 -1.39 -0.36 -10.97
CA LEU B 63 -2.77 -0.69 -10.66
C LEU B 63 -3.72 0.14 -11.47
N CYS B 64 -3.48 1.43 -11.57
CA CYS B 64 -4.32 2.27 -12.41
C CYS B 64 -4.31 1.75 -13.83
N ASP B 65 -3.14 1.36 -14.34
CA ASP B 65 -3.05 0.84 -15.69
C ASP B 65 -3.82 -0.47 -15.83
N LEU B 66 -3.76 -1.33 -14.81
CA LEU B 66 -4.52 -2.56 -14.81
C LEU B 66 -6.03 -2.28 -14.81
N SER B 68 -7.57 0.32 -16.01
CA SER B 68 -7.86 0.80 -17.36
C SER B 68 -7.92 -0.35 -18.35
N HIS B 69 -6.98 -1.28 -18.21
CA HIS B 69 -6.91 -2.42 -19.11
C HIS B 69 -8.15 -3.29 -18.97
N LEU B 70 -8.55 -3.58 -17.74
CA LEU B 70 -9.73 -4.42 -17.49
C LEU B 70 -11.00 -3.72 -18.01
N GLN B 71 -11.11 -2.42 -17.74
CA GLN B 71 -12.29 -1.66 -18.15
C GLN B 71 -12.43 -1.65 -19.67
N ARG B 72 -11.32 -1.52 -20.38
CA ARG B 72 -11.32 -1.52 -21.85
C ARG B 72 -11.62 -2.91 -22.41
N SER B 73 -11.28 -3.95 -21.64
CA SER B 73 -11.36 -5.32 -22.14
C SER B 73 -12.75 -5.91 -21.93
N GLY B 74 -13.50 -5.37 -20.99
CA GLY B 74 -14.90 -5.68 -20.91
C GLY B 74 -15.34 -6.55 -19.75
N GLU B 75 -16.56 -7.04 -19.87
CA GLU B 75 -17.28 -7.64 -18.77
C GLU B 75 -16.60 -8.91 -18.21
N ARG B 76 -16.13 -9.78 -19.11
CA ARG B 76 -15.41 -11.00 -18.76
C ARG B 76 -14.26 -10.66 -17.82
N ASP B 77 -13.49 -9.68 -18.24
CA ASP B 77 -12.26 -9.35 -17.55
C ASP B 77 -12.55 -8.73 -16.19
N CYS B 78 -13.54 -7.84 -16.13
CA CYS B 78 -13.86 -7.19 -14.86
C CYS B 78 -14.42 -8.22 -13.88
N GLN B 79 -15.24 -9.13 -14.36
CA GLN B 79 -15.78 -10.17 -13.52
C GLN B 79 -14.66 -11.01 -12.90
N GLU B 80 -13.66 -11.38 -13.70
CA GLU B 80 -12.57 -12.22 -13.22
C GLU B 80 -11.74 -11.48 -12.19
N PHE B 81 -11.57 -10.18 -12.39
CA PHE B 81 -10.86 -9.39 -11.38
C PHE B 81 -11.54 -9.50 -10.03
N TYR B 82 -12.87 -9.40 -9.98
CA TYR B 82 -13.54 -9.49 -8.69
C TYR B 82 -13.42 -10.87 -8.06
N ARG B 83 -13.35 -11.92 -8.86
CA ARG B 83 -13.11 -13.27 -8.35
C ARG B 83 -11.77 -13.30 -7.65
N ALA B 84 -10.75 -12.74 -8.28
CA ALA B 84 -9.40 -12.71 -7.72
C ALA B 84 -9.34 -11.85 -6.47
N LEU B 85 -10.02 -10.72 -6.51
CA LEU B 85 -10.09 -9.86 -5.33
C LEU B 85 -10.74 -10.56 -4.15
N TYR B 86 -11.81 -11.32 -4.41
CA TYR B 86 -12.50 -12.02 -3.35
C TYR B 86 -11.55 -12.98 -2.65
N ILE B 87 -10.70 -13.66 -3.41
CA ILE B 87 -9.79 -14.67 -2.84
C ILE B 87 -8.62 -14.02 -2.10
N HIS B 88 -8.04 -12.99 -2.71
CA HIS B 88 -6.75 -12.47 -2.28
C HIS B 88 -6.78 -11.16 -1.51
N ALA B 89 -7.89 -10.46 -1.43
CA ALA B 89 -8.08 -9.24 -0.68
C ALA B 89 -9.43 -9.16 -0.06
N GLN B 90 -9.78 -10.18 0.68
CA GLN B 90 -11.10 -10.27 1.27
C GLN B 90 -11.39 -9.10 2.20
N PRO B 91 -10.39 -8.63 2.97
CA PRO B 91 -10.71 -7.47 3.82
C PRO B 91 -11.19 -6.28 2.99
N LEU B 92 -10.64 -6.11 1.80
CA LEU B 92 -11.05 -5.01 0.90
C LEU B 92 -12.40 -5.28 0.23
N HIS B 93 -12.67 -6.50 -0.16
CA HIS B 93 -13.92 -6.90 -0.82
C HIS B 93 -15.17 -6.38 -0.21
N SER B 94 -15.11 -6.47 1.10
CA SER B 94 -16.21 -6.14 1.96
C SER B 94 -16.42 -4.66 2.10
N ARG B 95 -15.39 -3.89 1.84
CA ARG B 95 -15.39 -2.43 1.94
C ARG B 95 -15.64 -1.68 0.56
N LEU B 96 -15.84 -2.42 -0.48
CA LEU B 96 -15.98 -1.79 -1.79
C LEU B 96 -17.19 -0.88 -1.91
N PRO B 97 -17.02 0.27 -2.59
CA PRO B 97 -18.18 1.12 -2.88
C PRO B 97 -19.32 0.37 -3.57
N SER B 98 -19.01 -0.53 -4.49
CA SER B 98 -20.04 -1.25 -5.21
C SER B 98 -20.87 -2.18 -4.34
N ARG B 99 -20.42 -2.41 -3.11
CA ARG B 99 -21.15 -3.26 -2.16
C ARG B 99 -21.94 -2.48 -1.14
N HIS B 100 -21.95 -1.15 -1.25
CA HIS B 100 -22.72 -0.34 -0.31
C HIS B 100 -24.20 -0.55 -0.56
#